data_6EFA
#
_entry.id   6EFA
#
_cell.length_a   32.980
_cell.length_b   47.630
_cell.length_c   136.236
_cell.angle_alpha   90.00
_cell.angle_beta   90.00
_cell.angle_gamma   90.00
#
_symmetry.space_group_name_H-M   'P 21 21 21'
#
loop_
_entity.id
_entity.type
_entity.pdbx_description
1 polymer 'Platelet binding protein GspB'
2 non-polymer 'CALCIUM ION'
3 water water
#
_entity_poly.entity_id   1
_entity_poly.type   'polypeptide(L)'
_entity_poly.pdbx_seq_one_letter_code
;SDTERPVVNVPSEITVYRGESFEYFATVTDNSNAFDLAKTVVRWLYSNQPGRGTEWLQYSVTQVGNQLKVRIFGNVPIDT
TIGDYTRYVVATDAAGNVNATQTEMGNAAVDKTSVNGQFKLIIRFRIKTPENTVFVNNPNQLTEVEKNLVREAVKKSNPD
LRAQDVLNSNYVTGITVSNNGTTTITYRDGRKDIIDGSKFIDTR
;
_entity_poly.pdbx_strand_id   A
#
# COMPACT_ATOMS: atom_id res chain seq x y z
N ASP A 2 35.56 -11.98 -1.10
CA ASP A 2 34.11 -11.75 -1.30
C ASP A 2 33.86 -10.28 -1.58
N THR A 3 33.72 -9.96 -2.86
CA THR A 3 33.35 -8.60 -3.28
C THR A 3 31.94 -8.65 -3.86
N GLU A 4 31.32 -9.84 -3.95
CA GLU A 4 29.97 -9.98 -4.56
C GLU A 4 28.89 -9.61 -3.53
N ARG A 5 27.96 -8.77 -3.95
CA ARG A 5 26.97 -8.31 -3.00
C ARG A 5 25.83 -9.32 -2.86
N PRO A 6 25.19 -9.37 -1.69
CA PRO A 6 24.00 -10.18 -1.52
C PRO A 6 22.85 -9.61 -2.36
N VAL A 7 21.92 -10.44 -2.73
CA VAL A 7 20.77 -10.03 -3.59
C VAL A 7 19.50 -10.25 -2.81
N VAL A 8 18.64 -9.23 -2.78
CA VAL A 8 17.33 -9.32 -2.14
C VAL A 8 16.30 -9.59 -3.21
N ASN A 9 15.39 -10.53 -2.96
CA ASN A 9 14.21 -10.68 -3.80
C ASN A 9 13.00 -10.26 -2.96
N VAL A 10 12.33 -9.20 -3.41
CA VAL A 10 11.19 -8.62 -2.68
C VAL A 10 10.19 -8.24 -3.73
N PRO A 11 8.88 -8.34 -3.44
CA PRO A 11 7.90 -7.94 -4.45
C PRO A 11 7.99 -6.47 -4.77
N SER A 12 7.69 -6.09 -5.99
CA SER A 12 7.74 -4.69 -6.39
C SER A 12 6.81 -3.81 -5.57
N GLU A 13 5.63 -4.35 -5.25
CA GLU A 13 4.64 -3.58 -4.47
C GLU A 13 4.27 -4.41 -3.29
N ILE A 14 4.17 -3.76 -2.14
CA ILE A 14 3.65 -4.38 -0.93
C ILE A 14 2.40 -3.58 -0.56
N THR A 15 1.22 -4.18 -0.77
CA THR A 15 -0.06 -3.46 -0.57
C THR A 15 -0.65 -3.83 0.78
N VAL A 16 -1.02 -2.80 1.56
CA VAL A 16 -1.52 -3.05 2.91
C VAL A 16 -2.82 -2.23 2.96
N TYR A 17 -3.73 -2.63 3.85
CA TYR A 17 -5.09 -2.05 3.93
C TYR A 17 -5.31 -1.45 5.33
N ARG A 18 -5.84 -0.23 5.42
CA ARG A 18 -6.06 0.35 6.74
C ARG A 18 -6.99 -0.51 7.61
N GLY A 19 -6.65 -0.63 8.90
CA GLY A 19 -7.45 -1.35 9.87
C GLY A 19 -7.23 -2.85 9.79
N GLU A 20 -6.26 -3.29 8.99
CA GLU A 20 -5.92 -4.72 8.82
C GLU A 20 -4.45 -4.98 9.08
N SER A 21 -4.10 -6.23 9.41
CA SER A 21 -2.72 -6.69 9.43
C SER A 21 -2.26 -7.08 8.02
N PHE A 22 -0.94 -7.13 7.83
CA PHE A 22 -0.42 -7.62 6.58
C PHE A 22 0.80 -8.49 6.84
N GLU A 23 1.16 -9.26 5.84
CA GLU A 23 2.35 -10.11 5.91
C GLU A 23 2.90 -10.42 4.54
N TYR A 24 4.14 -10.02 4.29
CA TYR A 24 4.82 -10.38 3.05
C TYR A 24 6.20 -10.90 3.40
N PHE A 25 6.92 -11.45 2.41
CA PHE A 25 8.31 -11.92 2.65
C PHE A 25 9.29 -11.43 1.59
N ALA A 26 10.52 -11.21 2.03
CA ALA A 26 11.63 -11.05 1.08
C ALA A 26 12.63 -12.13 1.37
N THR A 27 13.47 -12.43 0.40
CA THR A 27 14.52 -13.45 0.53
C THR A 27 15.89 -12.80 0.21
N VAL A 28 16.94 -13.26 0.89
CA VAL A 28 18.27 -12.74 0.59
C VAL A 28 19.18 -13.91 0.31
N THR A 29 19.97 -13.79 -0.73
CA THR A 29 20.97 -14.83 -1.04
C THR A 29 22.34 -14.19 -1.18
N ASP A 30 23.39 -15.01 -1.05
CA ASP A 30 24.74 -14.46 -1.19
C ASP A 30 25.65 -15.59 -1.61
N ASN A 31 26.63 -15.27 -2.45
CA ASN A 31 27.60 -16.29 -2.86
C ASN A 31 28.26 -16.99 -1.67
N SER A 32 28.43 -16.28 -0.56
CA SER A 32 29.14 -16.82 0.60
C SER A 32 28.25 -17.67 1.49
N ASN A 33 26.93 -17.53 1.30
CA ASN A 33 25.95 -18.12 2.21
C ASN A 33 26.10 -17.66 3.67
N ALA A 34 26.77 -16.55 3.92
CA ALA A 34 26.94 -16.10 5.29
C ALA A 34 26.50 -14.66 5.41
N PHE A 35 25.75 -14.38 6.48
CA PHE A 35 25.09 -13.09 6.56
C PHE A 35 25.33 -12.48 7.89
N ASP A 36 25.09 -11.18 7.93
CA ASP A 36 24.96 -10.47 9.18
C ASP A 36 23.48 -10.15 9.41
N LEU A 37 22.76 -11.01 10.17
CA LEU A 37 21.32 -10.84 10.26
C LEU A 37 20.96 -9.56 10.98
N ALA A 38 21.80 -9.14 11.92
CA ALA A 38 21.50 -7.91 12.67
C ALA A 38 21.66 -6.66 11.78
N LYS A 39 22.34 -6.79 10.65
CA LYS A 39 22.48 -5.65 9.73
C LYS A 39 21.61 -5.82 8.48
N THR A 40 20.57 -6.60 8.61
CA THR A 40 19.61 -6.82 7.53
C THR A 40 18.31 -6.20 7.99
N VAL A 41 17.90 -5.15 7.28
CA VAL A 41 16.77 -4.32 7.79
C VAL A 41 15.79 -3.94 6.69
N VAL A 42 14.63 -3.44 7.13
CA VAL A 42 13.63 -2.81 6.22
C VAL A 42 13.48 -1.36 6.70
N ARG A 43 13.71 -0.41 5.79
CA ARG A 43 13.79 0.97 6.22
C ARG A 43 13.42 1.98 5.14
N TRP A 44 13.15 3.20 5.56
CA TRP A 44 13.03 4.30 4.57
C TRP A 44 14.40 4.85 4.24
N LEU A 45 14.46 5.83 3.34
CA LEU A 45 15.75 6.33 2.89
C LEU A 45 16.62 6.90 4.00
N TYR A 46 16.03 7.75 4.86
CA TYR A 46 16.91 8.73 5.52
C TYR A 46 17.67 8.14 6.67
N SER A 47 17.16 7.10 7.29
CA SER A 47 17.75 6.57 8.50
C SER A 47 17.24 5.16 8.68
N ASN A 48 17.87 4.38 9.58
CA ASN A 48 17.47 2.98 9.75
C ASN A 48 16.22 2.92 10.64
N GLN A 49 15.07 3.21 10.03
CA GLN A 49 13.77 3.35 10.72
C GLN A 49 12.69 3.01 9.71
N PRO A 50 11.48 2.73 10.22
CA PRO A 50 10.39 2.38 9.30
C PRO A 50 9.91 3.58 8.46
N GLY A 51 9.99 4.78 9.01
CA GLY A 51 9.73 5.96 8.21
C GLY A 51 8.54 6.76 8.73
N ARG A 52 8.58 8.07 8.51
CA ARG A 52 7.54 9.01 9.04
C ARG A 52 6.23 8.69 8.36
N GLY A 53 5.21 8.49 9.15
CA GLY A 53 3.94 8.12 8.55
C GLY A 53 3.71 6.62 8.44
N THR A 54 4.77 5.82 8.52
CA THR A 54 4.66 4.37 8.41
C THR A 54 5.45 3.72 9.58
N GLU A 55 5.28 4.29 10.76
CA GLU A 55 6.03 3.83 11.92
C GLU A 55 5.63 2.42 12.30
N TRP A 56 4.45 1.99 11.80
CA TRP A 56 3.92 0.66 12.03
C TRP A 56 4.50 -0.45 11.11
N LEU A 57 5.44 -0.10 10.24
CA LEU A 57 6.06 -1.10 9.35
C LEU A 57 7.12 -1.88 10.14
N GLN A 58 6.90 -3.18 10.30
CA GLN A 58 7.76 -4.04 11.11
C GLN A 58 8.44 -5.09 10.25
N TYR A 59 9.53 -5.64 10.78
CA TYR A 59 10.18 -6.74 10.09
C TYR A 59 10.95 -7.61 11.04
N SER A 60 11.25 -8.80 10.58
CA SER A 60 12.09 -9.70 11.34
C SER A 60 12.79 -10.62 10.37
N VAL A 61 13.99 -11.06 10.77
CA VAL A 61 14.91 -11.76 9.89
C VAL A 61 15.32 -13.10 10.47
N THR A 62 15.24 -14.15 9.67
CA THR A 62 15.79 -15.43 10.12
C THR A 62 16.65 -16.02 9.00
N GLN A 63 17.46 -17.00 9.34
CA GLN A 63 18.23 -17.70 8.30
C GLN A 63 17.65 -19.11 8.14
N VAL A 64 17.40 -19.51 6.92
CA VAL A 64 16.85 -20.81 6.59
C VAL A 64 17.75 -21.38 5.54
N GLY A 65 18.59 -22.34 5.93
CA GLY A 65 19.59 -22.86 5.05
C GLY A 65 20.57 -21.80 4.65
N ASN A 66 20.77 -21.61 3.34
CA ASN A 66 21.73 -20.63 2.89
C ASN A 66 21.13 -19.30 2.52
N GLN A 67 19.89 -19.05 2.93
CA GLN A 67 19.15 -17.83 2.59
C GLN A 67 18.67 -17.15 3.83
N LEU A 68 18.42 -15.85 3.74
CA LEU A 68 17.62 -15.18 4.79
C LEU A 68 16.19 -15.08 4.34
N LYS A 69 15.28 -15.16 5.32
CA LYS A 69 13.86 -14.81 5.09
C LYS A 69 13.55 -13.58 5.90
N VAL A 70 13.05 -12.55 5.25
CA VAL A 70 12.69 -11.31 5.91
C VAL A 70 11.17 -11.23 5.91
N ARG A 71 10.56 -11.35 7.08
CA ARG A 71 9.13 -11.17 7.26
C ARG A 71 8.85 -9.67 7.35
N ILE A 72 7.93 -9.16 6.53
CA ILE A 72 7.58 -7.75 6.49
C ILE A 72 6.11 -7.70 6.94
N PHE A 73 5.81 -7.07 8.06
CA PHE A 73 4.45 -7.26 8.61
C PHE A 73 4.05 -6.07 9.44
N GLY A 74 2.78 -6.02 9.86
CA GLY A 74 2.40 -5.01 10.83
C GLY A 74 0.90 -4.86 10.83
N ASN A 75 0.44 -3.85 11.57
CA ASN A 75 -0.96 -3.52 11.68
C ASN A 75 -1.15 -2.12 11.25
N VAL A 76 -2.00 -1.91 10.23
CA VAL A 76 -2.15 -0.57 9.63
C VAL A 76 -3.21 0.17 10.41
N PRO A 77 -2.87 1.35 10.97
CA PRO A 77 -3.91 2.16 11.64
C PRO A 77 -5.07 2.55 10.71
N ILE A 78 -6.22 2.81 11.32
CA ILE A 78 -7.43 3.10 10.57
C ILE A 78 -7.34 4.46 9.92
N ASP A 79 -6.43 5.29 10.38
CA ASP A 79 -6.31 6.66 9.91
C ASP A 79 -4.97 7.07 9.41
N THR A 80 -4.15 6.10 9.05
CA THR A 80 -2.86 6.43 8.42
C THR A 80 -3.12 7.01 7.03
N THR A 81 -2.16 7.74 6.48
CA THR A 81 -2.39 8.39 5.20
C THR A 81 -2.48 7.41 4.03
N ILE A 82 -3.44 7.64 3.14
CA ILE A 82 -3.59 6.79 1.99
C ILE A 82 -2.56 7.21 0.94
N GLY A 83 -1.84 6.28 0.29
CA GLY A 83 -0.89 6.68 -0.73
C GLY A 83 0.25 5.68 -0.77
N ASP A 84 1.39 6.08 -1.35
CA ASP A 84 2.47 5.11 -1.41
C ASP A 84 3.78 5.74 -0.94
N TYR A 85 4.75 4.87 -0.67
CA TYR A 85 6.05 5.26 -0.10
C TYR A 85 7.11 4.35 -0.71
N THR A 86 8.35 4.85 -0.86
CA THR A 86 9.46 3.97 -1.26
C THR A 86 10.16 3.46 0.00
N ARG A 87 10.31 2.16 0.09
CA ARG A 87 11.01 1.56 1.21
C ARG A 87 12.07 0.62 0.69
N TYR A 88 12.96 0.15 1.57
CA TYR A 88 14.14 -0.59 1.12
C TYR A 88 14.42 -1.76 1.99
N VAL A 89 14.68 -2.95 1.41
CA VAL A 89 15.27 -4.05 2.15
C VAL A 89 16.76 -3.93 1.94
N VAL A 90 17.53 -3.68 3.00
CA VAL A 90 18.99 -3.49 2.91
C VAL A 90 19.65 -4.62 3.71
N ALA A 91 20.32 -5.49 2.98
CA ALA A 91 20.89 -6.72 3.54
C ALA A 91 22.39 -6.66 3.54
N THR A 92 23.00 -7.28 4.55
CA THR A 92 24.45 -7.27 4.65
C THR A 92 24.97 -8.70 4.72
N ASP A 93 25.99 -9.01 3.94
CA ASP A 93 26.57 -10.35 4.05
C ASP A 93 27.65 -10.33 5.14
N ALA A 94 28.22 -11.49 5.44
CA ALA A 94 29.17 -11.58 6.54
C ALA A 94 30.40 -10.70 6.30
N ALA A 95 30.81 -10.60 5.04
CA ALA A 95 31.96 -9.76 4.63
C ALA A 95 31.69 -8.27 4.72
N GLY A 96 30.41 -7.89 4.89
CA GLY A 96 30.04 -6.49 5.01
C GLY A 96 29.52 -5.86 3.71
N ASN A 97 29.45 -6.63 2.64
CA ASN A 97 28.89 -6.14 1.39
C ASN A 97 27.37 -5.96 1.58
N VAL A 98 26.83 -4.89 0.99
CA VAL A 98 25.36 -4.60 1.05
C VAL A 98 24.80 -4.66 -0.34
N ASN A 99 23.53 -5.00 -0.43
CA ASN A 99 22.88 -5.04 -1.75
C ASN A 99 22.72 -3.62 -2.33
N ALA A 100 22.51 -2.61 -1.47
CA ALA A 100 22.28 -1.25 -1.94
C ALA A 100 22.96 -0.36 -0.95
N THR A 101 23.82 0.53 -1.41
CA THR A 101 24.53 1.46 -0.48
C THR A 101 23.65 2.67 -0.20
N GLN A 102 23.96 3.39 0.87
CA GLN A 102 23.23 4.57 1.25
C GLN A 102 23.31 5.56 0.09
N THR A 103 24.47 5.71 -0.52
CA THR A 103 24.55 6.63 -1.67
C THR A 103 23.68 6.17 -2.85
N GLU A 104 23.67 4.89 -3.14
CA GLU A 104 22.79 4.42 -4.24
C GLU A 104 21.33 4.67 -3.95
N MET A 105 20.93 4.47 -2.68
CA MET A 105 19.51 4.73 -2.34
C MET A 105 19.16 6.19 -2.57
N GLY A 106 20.07 7.08 -2.23
CA GLY A 106 19.84 8.50 -2.43
C GLY A 106 19.74 8.91 -3.88
N ASN A 107 20.59 8.34 -4.72
CA ASN A 107 20.49 8.60 -6.15
C ASN A 107 19.17 8.09 -6.69
N ALA A 108 18.77 6.89 -6.27
CA ALA A 108 17.52 6.31 -6.79
C ALA A 108 16.34 7.16 -6.34
N ALA A 109 16.39 7.65 -5.09
CA ALA A 109 15.26 8.49 -4.61
C ALA A 109 15.11 9.76 -5.43
N VAL A 110 16.22 10.40 -5.77
CA VAL A 110 16.18 11.69 -6.45
C VAL A 110 15.89 11.49 -7.94
N ASP A 111 16.51 10.48 -8.55
CA ASP A 111 16.32 10.26 -9.97
C ASP A 111 15.07 9.49 -10.29
N LYS A 112 14.40 8.98 -9.26
CA LYS A 112 13.28 8.06 -9.46
C LYS A 112 13.68 6.81 -10.29
N THR A 113 14.83 6.21 -9.92
CA THR A 113 15.26 4.91 -10.43
C THR A 113 15.16 3.93 -9.25
N SER A 114 15.61 2.71 -9.45
CA SER A 114 15.44 1.67 -8.40
C SER A 114 16.74 1.04 -8.07
N VAL A 115 16.85 0.57 -6.82
CA VAL A 115 17.95 -0.28 -6.40
C VAL A 115 17.42 -1.67 -6.08
N ASN A 116 18.32 -2.65 -6.03
CA ASN A 116 17.93 -3.97 -5.55
C ASN A 116 17.39 -3.88 -4.12
N GLY A 117 16.26 -4.55 -3.85
CA GLY A 117 15.69 -4.51 -2.49
C GLY A 117 14.60 -3.45 -2.31
N GLN A 118 14.45 -2.60 -3.33
CA GLN A 118 13.50 -1.47 -3.23
C GLN A 118 12.08 -1.92 -3.49
N PHE A 119 11.15 -1.42 -2.69
CA PHE A 119 9.74 -1.76 -2.98
C PHE A 119 8.84 -0.56 -2.73
N LYS A 120 7.67 -0.59 -3.33
CA LYS A 120 6.69 0.48 -3.13
C LYS A 120 5.67 -0.06 -2.11
N LEU A 121 5.58 0.64 -0.98
CA LEU A 121 4.59 0.32 0.09
C LEU A 121 3.32 1.10 -0.22
N ILE A 122 2.22 0.39 -0.49
CA ILE A 122 0.97 1.06 -0.90
C ILE A 122 -0.03 0.89 0.21
N ILE A 123 -0.57 2.01 0.72
CA ILE A 123 -1.61 1.98 1.76
C ILE A 123 -2.96 2.18 1.02
N ARG A 124 -3.82 1.18 1.07
CA ARG A 124 -5.14 1.22 0.40
C ARG A 124 -6.23 1.22 1.46
N PHE A 125 -7.35 1.83 1.08
CA PHE A 125 -8.60 1.65 1.76
C PHE A 125 -9.25 0.38 1.26
N ARG A 126 -9.84 -0.40 2.17
CA ARG A 126 -10.61 -1.59 1.78
C ARG A 126 -12.10 -1.21 1.62
N ILE A 127 -12.52 -1.02 0.38
CA ILE A 127 -13.84 -0.48 0.08
C ILE A 127 -14.90 -1.54 0.34
N LYS A 128 -16.07 -1.11 0.81
CA LYS A 128 -17.17 -2.06 1.02
C LYS A 128 -18.31 -1.59 0.19
N THR A 129 -18.94 -2.54 -0.48
CA THR A 129 -20.17 -2.30 -1.27
C THR A 129 -21.34 -2.08 -0.30
N PRO A 130 -22.25 -1.13 -0.56
CA PRO A 130 -23.38 -0.91 0.33
C PRO A 130 -24.21 -2.17 0.61
N GLU A 131 -24.59 -2.36 1.86
CA GLU A 131 -25.38 -3.55 2.23
C GLU A 131 -26.84 -3.34 1.83
N ASN A 132 -27.41 -2.22 2.25
CA ASN A 132 -28.83 -1.88 1.97
C ASN A 132 -28.94 -1.34 0.54
N THR A 133 -29.83 -1.93 -0.24
CA THR A 133 -30.03 -1.53 -1.64
C THR A 133 -30.54 -0.09 -1.79
N VAL A 134 -30.10 0.61 -2.82
CA VAL A 134 -30.67 1.91 -3.15
C VAL A 134 -31.68 1.70 -4.27
N PHE A 135 -32.92 2.10 -4.02
CA PHE A 135 -34.01 1.97 -4.99
C PHE A 135 -34.14 3.21 -5.86
N VAL A 136 -34.15 2.99 -7.17
CA VAL A 136 -34.20 4.09 -8.13
C VAL A 136 -35.32 3.84 -9.14
N ASN A 137 -35.82 4.90 -9.76
CA ASN A 137 -36.87 4.76 -10.77
C ASN A 137 -36.39 4.18 -12.10
N ASN A 138 -35.23 4.62 -12.56
CA ASN A 138 -34.66 4.09 -13.80
C ASN A 138 -33.20 3.67 -13.57
N PRO A 139 -32.93 2.36 -13.53
CA PRO A 139 -31.56 1.94 -13.18
C PRO A 139 -30.55 2.33 -14.26
N ASN A 140 -31.03 2.73 -15.44
CA ASN A 140 -30.05 3.13 -16.47
C ASN A 140 -29.90 4.65 -16.54
N GLN A 141 -30.67 5.36 -15.72
CA GLN A 141 -30.56 6.81 -15.66
C GLN A 141 -31.06 7.36 -14.32
N LEU A 142 -30.16 7.33 -13.31
CA LEU A 142 -30.45 7.93 -11.98
C LEU A 142 -30.65 9.46 -12.09
N THR A 143 -31.54 9.98 -11.26
CA THR A 143 -31.64 11.42 -11.05
C THR A 143 -30.44 11.90 -10.20
N GLU A 144 -30.24 13.22 -10.18
CA GLU A 144 -29.20 13.79 -9.32
C GLU A 144 -29.51 13.51 -7.83
N VAL A 145 -30.78 13.59 -7.45
CA VAL A 145 -31.18 13.25 -6.06
C VAL A 145 -30.77 11.79 -5.74
N GLU A 146 -31.01 10.86 -6.67
CA GLU A 146 -30.62 9.45 -6.52
C GLU A 146 -29.10 9.27 -6.49
N LYS A 147 -28.34 10.06 -7.27
CA LYS A 147 -26.92 9.90 -7.20
C LYS A 147 -26.39 10.35 -5.85
N ASN A 148 -27.01 11.38 -5.28
CA ASN A 148 -26.59 11.81 -3.94
C ASN A 148 -26.96 10.76 -2.90
N LEU A 149 -28.14 10.11 -3.03
CA LEU A 149 -28.44 8.96 -2.16
C LEU A 149 -27.35 7.88 -2.27
N VAL A 150 -26.89 7.61 -3.49
CA VAL A 150 -25.83 6.61 -3.67
C VAL A 150 -24.57 7.03 -2.95
N ARG A 151 -24.14 8.28 -3.13
CA ARG A 151 -22.93 8.75 -2.44
C ARG A 151 -23.09 8.59 -0.94
N GLU A 152 -24.28 8.96 -0.43
CA GLU A 152 -24.49 8.79 0.99
C GLU A 152 -24.44 7.36 1.45
N ALA A 153 -24.95 6.44 0.64
CA ALA A 153 -24.94 5.02 1.00
C ALA A 153 -23.51 4.50 1.02
N VAL A 154 -22.75 4.85 0.01
CA VAL A 154 -21.34 4.43 0.01
C VAL A 154 -20.60 5.03 1.21
N LYS A 155 -20.86 6.30 1.54
CA LYS A 155 -20.20 6.87 2.74
C LYS A 155 -20.65 6.12 4.01
N LYS A 156 -21.94 5.77 4.15
CA LYS A 156 -22.40 5.04 5.33
C LYS A 156 -21.85 3.61 5.39
N SER A 157 -21.59 2.98 4.25
CA SER A 157 -21.08 1.61 4.25
C SER A 157 -19.57 1.60 4.45
N ASN A 158 -18.95 2.79 4.35
CA ASN A 158 -17.48 2.95 4.53
C ASN A 158 -17.18 4.12 5.47
N PRO A 159 -17.58 3.98 6.74
CA PRO A 159 -17.53 5.09 7.71
C PRO A 159 -16.21 5.65 8.09
N ASP A 160 -15.13 4.87 7.87
CA ASP A 160 -13.77 5.26 8.17
C ASP A 160 -13.16 5.99 6.99
N LEU A 161 -13.93 6.13 5.89
CA LEU A 161 -13.39 6.93 4.79
C LEU A 161 -13.64 8.41 5.07
N ARG A 162 -12.57 9.15 5.36
CA ARG A 162 -12.68 10.56 5.71
C ARG A 162 -12.63 11.43 4.47
N ALA A 163 -13.09 12.69 4.56
CA ALA A 163 -12.97 13.56 3.38
C ALA A 163 -11.52 13.73 2.93
N GLN A 164 -10.58 13.79 3.87
CA GLN A 164 -9.19 13.99 3.50
C GLN A 164 -8.60 12.76 2.82
N ASP A 165 -9.34 11.64 2.85
CA ASP A 165 -8.86 10.40 2.21
C ASP A 165 -9.20 10.35 0.73
N VAL A 166 -10.11 11.21 0.26
CA VAL A 166 -10.45 11.15 -1.17
C VAL A 166 -9.97 12.37 -1.95
N LEU A 167 -10.04 12.26 -3.27
CA LEU A 167 -9.57 13.27 -4.20
C LEU A 167 -10.02 14.70 -3.77
N ASN A 168 -9.08 15.64 -3.66
CA ASN A 168 -9.44 17.04 -3.49
C ASN A 168 -9.99 17.25 -2.07
N SER A 169 -9.80 16.25 -1.22
CA SER A 169 -10.39 16.18 0.15
C SER A 169 -11.87 16.51 0.18
N ASN A 170 -12.60 16.13 -0.87
CA ASN A 170 -14.00 16.46 -0.91
C ASN A 170 -14.79 15.21 -1.34
N TYR A 171 -15.80 14.82 -0.58
CA TYR A 171 -16.56 13.61 -0.89
C TYR A 171 -17.23 13.72 -2.23
N VAL A 172 -17.70 14.92 -2.57
CA VAL A 172 -18.41 15.09 -3.83
C VAL A 172 -17.54 14.95 -5.07
N THR A 173 -16.29 15.41 -4.96
CA THR A 173 -15.32 15.22 -6.03
C THR A 173 -14.76 13.79 -6.05
N GLY A 174 -14.60 13.21 -4.86
CA GLY A 174 -13.91 11.92 -4.71
C GLY A 174 -14.80 10.71 -4.92
N ILE A 175 -16.11 10.88 -4.77
CA ILE A 175 -17.01 9.74 -4.92
C ILE A 175 -18.00 10.14 -6.00
N THR A 176 -17.81 9.61 -7.21
CA THR A 176 -18.62 10.02 -8.36
C THR A 176 -19.48 8.88 -8.80
N VAL A 177 -20.70 9.24 -9.23
CA VAL A 177 -21.75 8.27 -9.54
C VAL A 177 -22.19 8.40 -10.97
N SER A 178 -22.12 7.31 -11.74
CA SER A 178 -22.58 7.37 -13.14
C SER A 178 -24.08 7.27 -13.31
N ASN A 179 -24.51 7.39 -14.56
CA ASN A 179 -25.94 7.28 -14.84
C ASN A 179 -26.55 5.99 -14.39
N ASN A 180 -25.77 4.92 -14.25
CA ASN A 180 -26.41 3.66 -13.84
C ASN A 180 -26.05 3.33 -12.39
N GLY A 181 -25.55 4.34 -11.67
CA GLY A 181 -25.22 4.16 -10.26
C GLY A 181 -23.85 3.58 -9.97
N THR A 182 -23.12 3.18 -11.01
CA THR A 182 -21.75 2.70 -10.79
C THR A 182 -20.93 3.83 -10.17
N THR A 183 -20.24 3.51 -9.08
CA THR A 183 -19.61 4.51 -8.22
C THR A 183 -18.12 4.32 -8.27
N THR A 184 -17.42 5.40 -8.62
CA THR A 184 -15.96 5.41 -8.53
C THR A 184 -15.49 6.20 -7.31
N ILE A 185 -14.66 5.58 -6.48
CA ILE A 185 -14.08 6.29 -5.37
C ILE A 185 -12.66 6.56 -5.79
N THR A 186 -12.30 7.84 -5.90
CA THR A 186 -10.91 8.21 -6.23
C THR A 186 -10.28 8.74 -4.94
N TYR A 187 -9.17 8.13 -4.52
CA TYR A 187 -8.54 8.49 -3.25
C TYR A 187 -7.60 9.65 -3.48
N ARG A 188 -7.08 10.21 -2.40
CA ARG A 188 -6.24 11.39 -2.47
C ARG A 188 -4.97 11.10 -3.26
N ASP A 189 -4.56 9.84 -3.36
CA ASP A 189 -3.41 9.49 -4.18
C ASP A 189 -3.70 9.18 -5.64
N GLY A 190 -4.95 9.35 -6.08
CA GLY A 190 -5.28 9.04 -7.45
C GLY A 190 -5.65 7.61 -7.78
N ARG A 191 -5.46 6.69 -6.83
CA ARG A 191 -5.91 5.32 -7.05
C ARG A 191 -7.44 5.33 -6.98
N LYS A 192 -8.03 4.27 -7.53
CA LYS A 192 -9.51 4.21 -7.61
C LYS A 192 -10.06 2.82 -7.29
N ASP A 193 -11.26 2.82 -6.73
CA ASP A 193 -12.05 1.61 -6.55
C ASP A 193 -13.36 1.89 -7.29
N ILE A 194 -13.88 0.85 -7.95
CA ILE A 194 -15.17 0.98 -8.62
C ILE A 194 -16.17 -0.01 -8.05
N ILE A 195 -17.36 0.48 -7.68
CA ILE A 195 -18.45 -0.40 -7.25
C ILE A 195 -19.51 -0.40 -8.36
N ASP A 196 -19.68 -1.52 -9.05
CA ASP A 196 -20.67 -1.60 -10.10
C ASP A 196 -22.04 -1.35 -9.50
N GLY A 197 -22.83 -0.50 -10.17
CA GLY A 197 -24.19 -0.21 -9.72
C GLY A 197 -25.09 -1.43 -9.52
N SER A 198 -24.89 -2.45 -10.35
CA SER A 198 -25.75 -3.61 -10.29
C SER A 198 -25.61 -4.36 -8.96
N LYS A 199 -24.60 -4.03 -8.16
CA LYS A 199 -24.43 -4.81 -6.94
C LYS A 199 -25.16 -4.21 -5.74
N PHE A 200 -25.74 -3.02 -5.90
CA PHE A 200 -26.51 -2.44 -4.80
C PHE A 200 -27.65 -1.53 -5.27
N ILE A 201 -27.91 -1.50 -6.58
CA ILE A 201 -29.00 -0.67 -7.09
C ILE A 201 -30.09 -1.53 -7.72
N ASP A 202 -31.35 -1.20 -7.43
CA ASP A 202 -32.47 -1.91 -8.02
C ASP A 202 -33.61 -0.94 -8.31
N THR A 203 -34.62 -1.38 -9.08
CA THR A 203 -35.73 -0.50 -9.40
C THR A 203 -36.83 -0.53 -8.34
#